data_6F8P
#
_entry.id   6F8P
#
_cell.length_a   37.390
_cell.length_b   94.180
_cell.length_c   97.990
_cell.angle_alpha   90.000
_cell.angle_beta   90.000
_cell.angle_gamma   90.000
#
_symmetry.space_group_name_H-M   'P 21 21 21'
#
loop_
_entity.id
_entity.type
_entity.pdbx_description
1 polymer Glycoprotein
2 water water
#
_entity_poly.entity_id   1
_entity_poly.type   'polypeptide(L)'
_entity_poly.pdbx_seq_one_letter_code
;EDPHLRNRPGKGHNYIDGMTQEDATCKPVTYAGACSSFDVLLEKGKFPLFQSYAHHRTLLEAVHDTIIAKADPPSCDLQS
AHGNPCMKEKLVMKTHCPNDYQSAHYLNNDGKMASVKCPPKYELTEDCNFCRQMTGASLKKGSYPLQDLFCQSSEDDGSK
LKTKMKGVCEVGVQALKKCDGQLSTAHEVVPFAVFKNSKKVYLDKLDLKTEENLLPDSFVCFEHKGQYKGTMDSGQTKRE
LKSFDISQCPKIGGHGSKKCTGDAAFCSAYECTAQYANAYCSHANGSGIVQIQVSGVWKKPLCVGYERVVVKRELS
;
_entity_poly.pdbx_strand_id   A
#
# COMPACT_ATOMS: atom_id res chain seq x y z
N GLU A 1 -20.76 2.70 -2.81
CA GLU A 1 -21.09 3.63 -3.89
C GLU A 1 -19.98 3.78 -4.92
N ASP A 2 -18.72 3.45 -4.58
CA ASP A 2 -17.64 3.62 -5.55
C ASP A 2 -17.48 2.34 -6.38
N PRO A 3 -17.87 2.34 -7.65
CA PRO A 3 -17.78 1.13 -8.48
C PRO A 3 -16.42 0.93 -9.14
N HIS A 4 -15.46 1.81 -8.84
CA HIS A 4 -14.19 1.87 -9.56
C HIS A 4 -13.02 1.53 -8.66
N LEU A 5 -13.26 0.79 -7.55
CA LEU A 5 -12.14 0.52 -6.67
C LEU A 5 -11.06 -0.37 -7.30
N ARG A 6 -11.40 -1.21 -8.32
CA ARG A 6 -10.44 -2.06 -9.01
C ARG A 6 -9.79 -1.36 -10.17
N ASN A 7 -10.12 -0.08 -10.42
CA ASN A 7 -9.53 0.66 -11.51
C ASN A 7 -8.39 1.44 -10.86
N ARG A 8 -7.13 0.94 -11.05
CA ARG A 8 -6.02 1.29 -10.12
C ARG A 8 -5.21 2.48 -10.63
N PRO A 9 -4.67 3.31 -9.74
CA PRO A 9 -3.75 4.38 -10.18
C PRO A 9 -2.45 3.74 -10.66
N GLY A 10 -1.68 4.49 -11.47
CA GLY A 10 -0.37 3.88 -11.78
C GLY A 10 -0.48 2.66 -12.72
N LYS A 11 0.49 1.73 -12.59
CA LYS A 11 0.44 0.51 -13.40
C LYS A 11 -0.62 -0.48 -12.88
N GLY A 12 -0.91 -0.45 -11.59
CA GLY A 12 -1.92 -1.31 -11.00
C GLY A 12 -1.47 -2.74 -10.78
N HIS A 13 -0.18 -2.94 -10.65
CA HIS A 13 0.39 -4.27 -10.50
C HIS A 13 0.40 -4.69 -9.05
N ASN A 14 -0.34 -5.77 -8.75
CA ASN A 14 -0.43 -6.28 -7.37
C ASN A 14 0.05 -7.74 -7.37
N TYR A 15 1.33 -7.88 -7.65
CA TYR A 15 2.02 -9.14 -7.55
C TYR A 15 3.36 -8.84 -6.90
N ILE A 16 3.98 -9.88 -6.31
CA ILE A 16 5.33 -9.75 -5.78
C ILE A 16 6.28 -10.51 -6.70
N ASP A 17 7.49 -9.96 -6.83
CA ASP A 17 8.48 -10.64 -7.65
C ASP A 17 8.68 -12.06 -7.17
N GLY A 18 8.69 -12.99 -8.13
CA GLY A 18 8.84 -14.38 -7.82
C GLY A 18 7.53 -15.12 -7.66
N MET A 19 6.40 -14.44 -7.74
CA MET A 19 5.08 -15.09 -7.69
C MET A 19 4.24 -14.50 -8.81
N THR A 20 4.37 -15.07 -10.00
CA THR A 20 3.83 -14.47 -11.21
C THR A 20 2.69 -15.29 -11.80
N GLN A 21 2.20 -16.30 -11.10
CA GLN A 21 1.19 -17.18 -11.69
C GLN A 21 -0.21 -16.61 -11.68
N GLU A 22 -0.45 -15.39 -11.16
CA GLU A 22 -1.77 -14.82 -11.31
C GLU A 22 -1.65 -13.47 -11.97
N ASP A 23 -0.59 -13.31 -12.76
CA ASP A 23 -0.42 -12.06 -13.50
C ASP A 23 -1.61 -11.71 -14.38
N ALA A 24 -2.36 -12.71 -14.87
CA ALA A 24 -3.47 -12.39 -15.79
C ALA A 24 -4.55 -11.53 -15.12
N THR A 25 -4.72 -11.64 -13.79
CA THR A 25 -5.73 -10.85 -13.09
C THR A 25 -5.14 -9.88 -12.06
N CYS A 26 -3.81 -9.91 -11.87
CA CYS A 26 -3.11 -9.03 -10.92
C CYS A 26 -2.20 -8.04 -11.62
N LYS A 27 -1.94 -8.20 -12.93
CA LYS A 27 -0.92 -7.40 -13.59
C LYS A 27 -1.53 -6.88 -14.90
N PRO A 28 -2.49 -5.95 -14.81
CA PRO A 28 -2.89 -5.18 -13.60
C PRO A 28 -4.17 -5.75 -12.99
N VAL A 29 -4.43 -5.40 -11.74
CA VAL A 29 -5.79 -5.51 -11.21
C VAL A 29 -6.72 -4.63 -12.03
N THR A 30 -7.91 -5.15 -12.33
CA THR A 30 -8.92 -4.37 -13.06
C THR A 30 -10.31 -4.93 -12.68
N TYR A 31 -11.36 -4.48 -13.37
CA TYR A 31 -12.71 -4.79 -12.89
C TYR A 31 -12.94 -6.29 -12.79
N ALA A 32 -12.41 -7.05 -13.74
CA ALA A 32 -12.65 -8.48 -13.87
C ALA A 32 -11.53 -9.23 -13.20
N GLY A 33 -11.85 -10.39 -12.62
CA GLY A 33 -10.86 -11.30 -12.14
C GLY A 33 -10.60 -11.21 -10.64
N ALA A 34 -9.98 -12.25 -10.11
CA ALA A 34 -9.59 -12.32 -8.69
C ALA A 34 -8.06 -12.23 -8.57
N CYS A 35 -7.59 -11.58 -7.49
CA CYS A 35 -6.18 -11.34 -7.28
C CYS A 35 -5.92 -11.56 -5.80
N SER A 36 -5.21 -12.64 -5.44
CA SER A 36 -5.08 -12.92 -3.99
C SER A 36 -4.27 -11.88 -3.23
N SER A 37 -3.45 -11.09 -3.91
CA SER A 37 -2.71 -10.06 -3.15
C SER A 37 -3.50 -8.77 -2.98
N PHE A 38 -4.60 -8.59 -3.72
CA PHE A 38 -5.33 -7.33 -3.71
C PHE A 38 -6.74 -7.47 -3.13
N ASP A 39 -7.45 -8.58 -3.47
CA ASP A 39 -8.86 -8.66 -3.13
C ASP A 39 -9.11 -8.55 -1.63
N VAL A 40 -8.21 -9.09 -0.81
CA VAL A 40 -8.39 -8.99 0.64
C VAL A 40 -8.45 -7.53 1.12
N LEU A 41 -7.83 -6.60 0.39
CA LEU A 41 -7.84 -5.22 0.86
C LEU A 41 -9.22 -4.58 0.82
N LEU A 42 -10.15 -5.13 0.00
CA LEU A 42 -11.50 -4.59 -0.16
C LEU A 42 -12.56 -5.29 0.68
N GLU A 43 -12.19 -6.30 1.47
CA GLU A 43 -13.17 -6.93 2.37
C GLU A 43 -13.53 -5.92 3.46
N LYS A 44 -14.82 -5.55 3.52
CA LYS A 44 -15.25 -4.44 4.35
C LYS A 44 -14.73 -4.56 5.79
N GLY A 45 -13.99 -3.53 6.21
CA GLY A 45 -13.52 -3.42 7.58
C GLY A 45 -12.16 -4.05 7.84
N LYS A 46 -11.67 -4.88 6.92
CA LYS A 46 -10.39 -5.55 7.18
C LYS A 46 -9.21 -4.59 7.13
N PHE A 47 -9.24 -3.62 6.21
CA PHE A 47 -8.15 -2.68 5.94
C PHE A 47 -8.78 -1.30 5.91
N PRO A 48 -9.25 -0.80 7.05
CA PRO A 48 -10.03 0.45 7.03
C PRO A 48 -9.29 1.68 6.53
N LEU A 49 -7.99 1.87 6.84
CA LEU A 49 -7.27 3.02 6.32
C LEU A 49 -7.14 2.94 4.80
N PHE A 50 -6.73 1.78 4.28
CA PHE A 50 -6.65 1.70 2.82
C PHE A 50 -8.03 1.94 2.20
N GLN A 51 -9.09 1.42 2.84
CA GLN A 51 -10.41 1.59 2.22
C GLN A 51 -10.89 3.03 2.23
N SER A 52 -10.36 3.86 3.13
CA SER A 52 -10.58 5.32 3.12
C SER A 52 -9.78 6.06 2.06
N TYR A 53 -8.69 5.46 1.55
CA TYR A 53 -7.78 6.04 0.58
C TYR A 53 -7.58 5.06 -0.58
N ALA A 54 -8.66 4.45 -1.04
CA ALA A 54 -8.54 3.27 -1.91
C ALA A 54 -8.12 3.63 -3.33
N HIS A 55 -8.16 4.92 -3.72
CA HIS A 55 -7.58 5.30 -5.00
C HIS A 55 -6.13 5.71 -4.89
N HIS A 56 -5.48 5.44 -3.75
CA HIS A 56 -4.05 5.60 -3.64
C HIS A 56 -3.47 4.20 -3.79
N ARG A 57 -2.17 4.10 -3.81
CA ARG A 57 -1.51 2.84 -4.19
C ARG A 57 -1.41 1.87 -3.02
N THR A 58 -1.50 0.59 -3.35
CA THR A 58 -1.10 -0.40 -2.38
C THR A 58 0.42 -0.45 -2.28
N LEU A 59 0.93 -1.29 -1.35
CA LEU A 59 2.36 -1.44 -1.23
C LEU A 59 2.95 -2.07 -2.49
N LEU A 60 2.36 -3.19 -2.99
CA LEU A 60 2.94 -3.78 -4.19
C LEU A 60 2.85 -2.81 -5.38
N GLU A 61 1.77 -2.03 -5.47
CA GLU A 61 1.67 -1.07 -6.58
C GLU A 61 2.79 -0.04 -6.48
N ALA A 62 3.07 0.43 -5.24
CA ALA A 62 4.11 1.43 -5.04
C ALA A 62 5.48 0.91 -5.40
N VAL A 63 5.74 -0.36 -5.14
CA VAL A 63 6.97 -0.98 -5.56
C VAL A 63 7.07 -0.99 -7.09
N HIS A 64 6.01 -1.44 -7.77
CA HIS A 64 6.13 -1.58 -9.22
C HIS A 64 6.08 -0.25 -9.93
N ASP A 65 5.56 0.78 -9.26
CA ASP A 65 5.61 2.15 -9.78
C ASP A 65 6.92 2.87 -9.41
N THR A 66 7.84 2.17 -8.73
CA THR A 66 9.18 2.61 -8.31
C THR A 66 9.12 3.74 -7.27
N ILE A 67 8.05 3.79 -6.50
CA ILE A 67 7.97 4.75 -5.40
C ILE A 67 8.64 4.20 -4.14
N ILE A 68 8.47 2.89 -3.89
CA ILE A 68 9.05 2.19 -2.75
C ILE A 68 10.05 1.17 -3.29
N ALA A 69 11.25 1.14 -2.69
CA ALA A 69 12.28 0.19 -3.11
C ALA A 69 12.06 -1.18 -2.47
N LYS A 70 12.52 -2.23 -3.14
CA LYS A 70 12.49 -3.56 -2.53
C LYS A 70 13.64 -3.70 -1.55
N ALA A 71 13.38 -4.37 -0.43
CA ALA A 71 14.45 -4.72 0.50
C ALA A 71 15.44 -5.71 -0.13
N ASP A 72 16.65 -5.74 0.45
CA ASP A 72 17.72 -6.67 0.07
C ASP A 72 18.06 -7.52 1.27
N PRO A 73 17.68 -8.81 1.31
CA PRO A 73 17.03 -9.55 0.21
C PRO A 73 15.54 -9.24 0.15
N PRO A 74 14.89 -9.47 -0.99
CA PRO A 74 13.47 -9.10 -1.13
C PRO A 74 12.48 -10.11 -0.55
N SER A 75 12.91 -11.34 -0.25
CA SER A 75 12.10 -12.25 0.52
C SER A 75 13.01 -12.98 1.49
N CYS A 76 12.47 -13.26 2.67
CA CYS A 76 13.17 -13.99 3.72
C CYS A 76 12.66 -15.42 3.78
N ASP A 77 13.57 -16.39 3.82
CA ASP A 77 13.20 -17.78 3.82
C ASP A 77 12.93 -18.21 5.27
N LEU A 78 11.64 -18.34 5.63
CA LEU A 78 11.32 -18.63 7.04
C LEU A 78 11.79 -20.01 7.43
N GLN A 79 11.95 -20.90 6.47
CA GLN A 79 12.39 -22.24 6.83
C GLN A 79 13.84 -22.29 7.23
N SER A 80 14.65 -21.32 6.82
CA SER A 80 16.10 -21.48 6.91
C SER A 80 16.55 -21.72 8.34
N ALA A 81 17.41 -22.73 8.50
CA ALA A 81 18.08 -22.98 9.77
C ALA A 81 19.14 -21.92 10.00
N HIS A 82 19.27 -21.47 11.26
CA HIS A 82 20.03 -20.26 11.55
C HIS A 82 19.52 -19.07 10.72
N GLY A 83 18.20 -18.93 10.64
CA GLY A 83 17.54 -17.63 10.57
C GLY A 83 17.39 -16.95 9.21
N ASN A 84 16.83 -15.76 9.28
CA ASN A 84 16.66 -14.90 8.11
C ASN A 84 16.61 -13.45 8.58
N PRO A 85 16.92 -12.50 7.71
CA PRO A 85 17.05 -11.11 8.15
C PRO A 85 15.74 -10.45 8.53
N CYS A 86 14.59 -11.05 8.21
CA CYS A 86 13.35 -10.39 8.59
C CYS A 86 12.88 -10.74 9.99
N MET A 87 13.47 -11.75 10.62
CA MET A 87 12.79 -12.35 11.77
C MET A 87 12.53 -11.36 12.89
N LYS A 88 13.51 -10.52 13.21
CA LYS A 88 13.31 -9.56 14.32
C LYS A 88 12.16 -8.60 14.03
N GLU A 89 12.13 -7.99 12.82
CA GLU A 89 11.04 -7.11 12.51
C GLU A 89 9.72 -7.83 12.49
N LYS A 90 9.70 -9.07 11.95
CA LYS A 90 8.42 -9.73 11.87
C LYS A 90 7.92 -10.09 13.27
N LEU A 91 8.81 -10.53 14.15
CA LEU A 91 8.34 -11.05 15.43
C LEU A 91 7.70 -9.98 16.29
N VAL A 92 8.10 -8.71 16.13
CA VAL A 92 7.49 -7.66 16.98
C VAL A 92 6.14 -7.23 16.42
N MET A 93 5.74 -7.75 15.25
CA MET A 93 4.43 -7.47 14.66
C MET A 93 3.46 -8.59 15.01
N LYS A 94 2.26 -8.23 15.44
CA LYS A 94 1.20 -9.21 15.65
C LYS A 94 0.31 -9.21 14.42
N THR A 95 0.31 -10.31 13.69
CA THR A 95 -0.30 -10.38 12.38
C THR A 95 -1.12 -11.66 12.32
N HIS A 96 -2.15 -11.65 11.49
CA HIS A 96 -2.97 -12.83 11.24
C HIS A 96 -2.94 -13.13 9.76
N CYS A 97 -2.41 -14.22 9.40
CA CYS A 97 -2.42 -14.68 7.99
C CYS A 97 -3.55 -15.65 7.73
N PRO A 98 -4.39 -15.43 6.73
CA PRO A 98 -5.30 -16.49 6.29
C PRO A 98 -4.49 -17.67 5.79
N ASN A 99 -5.15 -18.84 5.73
CA ASN A 99 -4.53 -20.05 5.21
C ASN A 99 -4.19 -19.92 3.71
N ASP A 100 -3.28 -20.79 3.29
CA ASP A 100 -2.88 -21.01 1.90
C ASP A 100 -2.05 -19.88 1.29
N TYR A 101 -1.37 -19.05 2.08
CA TYR A 101 -0.43 -18.09 1.48
C TYR A 101 1.00 -18.59 1.60
N GLN A 102 1.77 -18.41 0.55
CA GLN A 102 3.17 -18.76 0.53
C GLN A 102 4.04 -17.58 0.90
N SER A 103 3.44 -16.38 0.91
CA SER A 103 4.19 -15.15 0.99
C SER A 103 3.34 -14.11 1.69
N ALA A 104 4.01 -13.23 2.43
CA ALA A 104 3.37 -12.05 2.98
C ALA A 104 4.38 -10.92 3.03
N HIS A 105 3.90 -9.70 2.81
CA HIS A 105 4.84 -8.60 2.59
C HIS A 105 4.54 -7.41 3.45
N TYR A 106 5.58 -6.62 3.68
CA TYR A 106 5.44 -5.47 4.57
C TYR A 106 6.48 -4.39 4.30
N LEU A 107 6.15 -3.20 4.78
CA LEU A 107 7.04 -2.04 4.67
C LEU A 107 7.92 -2.05 5.93
N ASN A 108 9.24 -2.19 5.73
CA ASN A 108 10.14 -2.51 6.84
C ASN A 108 10.62 -1.21 7.48
N ASN A 109 11.54 -1.32 8.42
CA ASN A 109 11.97 -0.14 9.15
C ASN A 109 12.71 0.85 8.28
N ASP A 110 13.38 0.37 7.22
CA ASP A 110 14.09 1.23 6.29
C ASP A 110 13.17 1.85 5.25
N GLY A 111 11.87 1.58 5.30
CA GLY A 111 10.97 2.09 4.28
C GLY A 111 11.00 1.34 2.97
N LYS A 112 11.42 0.07 3.00
CA LYS A 112 11.48 -0.76 1.82
C LYS A 112 10.56 -1.96 1.97
N MET A 113 10.20 -2.58 0.85
CA MET A 113 9.26 -3.68 0.90
C MET A 113 10.05 -4.96 1.14
N ALA A 114 9.74 -5.62 2.25
CA ALA A 114 10.29 -6.93 2.58
C ALA A 114 9.19 -7.99 2.51
N SER A 115 9.58 -9.28 2.51
CA SER A 115 8.54 -10.30 2.56
C SER A 115 9.06 -11.54 3.24
N VAL A 116 8.15 -12.25 3.89
CA VAL A 116 8.44 -13.61 4.39
C VAL A 116 7.79 -14.64 3.48
N LYS A 117 8.49 -15.76 3.24
CA LYS A 117 8.12 -16.66 2.17
C LYS A 117 8.40 -18.10 2.59
N CYS A 118 7.49 -18.98 2.24
CA CYS A 118 7.57 -20.43 2.54
C CYS A 118 7.93 -21.21 1.29
N PRO A 119 8.38 -22.43 1.43
CA PRO A 119 8.69 -23.23 0.23
C PRO A 119 7.41 -23.69 -0.45
N PRO A 120 7.49 -24.36 -1.60
CA PRO A 120 6.29 -25.08 -2.07
C PRO A 120 6.19 -26.37 -1.30
N LYS A 121 4.98 -26.85 -1.07
CA LYS A 121 3.71 -26.15 -1.03
C LYS A 121 3.48 -26.12 0.49
N TYR A 122 4.12 -25.10 1.04
CA TYR A 122 4.05 -24.76 2.43
C TYR A 122 3.29 -23.44 2.53
N GLU A 123 2.49 -23.29 3.59
CA GLU A 123 1.78 -22.06 3.81
C GLU A 123 2.32 -21.45 5.08
N LEU A 124 2.17 -20.12 5.15
CA LEU A 124 2.43 -19.45 6.43
C LEU A 124 1.46 -19.91 7.48
N THR A 125 1.92 -19.97 8.77
CA THR A 125 1.00 -20.22 9.84
C THR A 125 0.14 -18.97 10.16
N GLU A 126 -0.83 -19.17 11.08
CA GLU A 126 -1.79 -18.09 11.32
C GLU A 126 -1.12 -16.84 11.85
N ASP A 127 -0.02 -17.01 12.60
CA ASP A 127 0.68 -15.85 13.11
C ASP A 127 1.69 -15.29 12.11
N CYS A 128 1.82 -15.92 10.93
CA CYS A 128 2.73 -15.45 9.88
C CYS A 128 4.20 -15.58 10.26
N ASN A 129 4.53 -16.40 11.27
CA ASN A 129 5.90 -16.49 11.76
C ASN A 129 6.58 -17.77 11.35
N PHE A 130 5.81 -18.75 10.89
CA PHE A 130 6.36 -20.07 10.56
C PHE A 130 5.69 -20.56 9.28
N CYS A 131 6.23 -21.68 8.75
CA CYS A 131 5.67 -22.32 7.58
C CYS A 131 5.20 -23.73 7.97
N ARG A 132 4.19 -24.23 7.28
CA ARG A 132 3.77 -25.60 7.57
C ARG A 132 3.24 -26.20 6.26
N GLN A 133 3.18 -27.53 6.19
CA GLN A 133 2.67 -28.06 4.93
C GLN A 133 1.20 -27.70 4.77
N MET A 134 0.72 -27.54 3.51
CA MET A 134 -0.74 -27.53 3.45
C MET A 134 -1.25 -28.78 2.77
N ALA A 137 -5.04 -28.04 -0.38
CA ALA A 137 -5.50 -28.32 -1.75
C ALA A 137 -4.59 -27.67 -2.79
N SER A 138 -4.45 -26.35 -2.68
CA SER A 138 -3.44 -25.65 -3.44
C SER A 138 -3.19 -24.29 -2.77
N LEU A 139 -2.00 -23.74 -3.01
CA LEU A 139 -1.65 -22.43 -2.45
C LEU A 139 -2.20 -21.29 -3.30
N LYS A 140 -2.49 -20.19 -2.63
CA LYS A 140 -2.74 -18.95 -3.37
C LYS A 140 -1.52 -18.59 -4.20
N LYS A 141 -1.72 -17.77 -5.24
CA LYS A 141 -0.60 -17.41 -6.08
C LYS A 141 0.02 -16.04 -5.77
N GLY A 142 -0.41 -15.39 -4.70
CA GLY A 142 0.13 -14.08 -4.42
C GLY A 142 0.60 -13.98 -3.01
N SER A 143 0.53 -12.76 -2.48
CA SER A 143 1.18 -12.47 -1.22
C SER A 143 0.26 -11.63 -0.32
N TYR A 144 0.27 -11.93 0.92
CA TYR A 144 -0.68 -11.31 1.82
C TYR A 144 -0.13 -10.00 2.40
N PRO A 145 -0.86 -8.88 2.29
CA PRO A 145 -0.34 -7.63 2.83
C PRO A 145 -0.49 -7.59 4.34
N LEU A 146 0.61 -7.43 5.05
CA LEU A 146 0.57 -7.54 6.51
C LEU A 146 0.09 -6.27 7.22
N GLN A 147 0.06 -5.12 6.50
CA GLN A 147 -0.21 -3.82 7.11
C GLN A 147 -1.34 -3.16 6.33
N ASP A 148 -2.06 -2.31 7.02
CA ASP A 148 -3.09 -1.46 6.42
C ASP A 148 -2.46 -0.14 6.04
N LEU A 149 -2.23 0.10 4.73
CA LEU A 149 -1.50 1.30 4.36
C LEU A 149 -1.92 1.75 2.98
N PHE A 150 -1.41 2.91 2.60
CA PHE A 150 -1.53 3.40 1.22
C PHE A 150 -0.32 4.28 0.91
N CYS A 151 -0.05 4.45 -0.39
CA CYS A 151 1.17 5.11 -0.82
C CYS A 151 0.89 6.12 -1.94
N GLN A 152 1.86 7.02 -2.16
CA GLN A 152 1.80 8.02 -3.24
C GLN A 152 3.24 8.44 -3.53
N SER A 153 3.48 9.06 -4.68
CA SER A 153 4.84 9.54 -4.93
C SER A 153 5.08 10.82 -4.12
N SER A 154 6.34 11.06 -3.77
CA SER A 154 6.65 12.32 -3.10
C SER A 154 8.12 12.64 -3.26
N GLU A 155 8.43 13.94 -3.43
CA GLU A 155 9.78 14.45 -3.40
C GLU A 155 10.06 15.22 -2.12
N ASP A 156 9.18 15.16 -1.12
CA ASP A 156 9.33 15.96 0.09
C ASP A 156 10.35 15.29 1.03
N ASP A 157 11.48 15.95 1.28
CA ASP A 157 12.57 15.30 2.01
C ASP A 157 12.18 15.12 3.46
N GLY A 158 12.24 13.87 3.93
CA GLY A 158 12.01 13.57 5.33
C GLY A 158 13.26 13.17 6.09
N SER A 159 14.44 13.60 5.64
CA SER A 159 15.69 13.09 6.24
C SER A 159 15.86 13.51 7.69
N LYS A 160 15.16 14.54 8.15
CA LYS A 160 15.28 14.93 9.55
C LYS A 160 14.12 14.43 10.42
N LEU A 161 13.19 13.67 9.84
CA LEU A 161 12.02 13.18 10.58
C LEU A 161 12.37 11.87 11.24
N LYS A 162 11.98 11.74 12.50
CA LYS A 162 12.25 10.56 13.32
C LYS A 162 11.08 10.35 14.27
N THR A 163 10.82 9.09 14.60
CA THR A 163 9.80 8.76 15.59
C THR A 163 10.02 9.53 16.88
N LYS A 164 8.95 10.15 17.36
CA LYS A 164 8.94 10.83 18.66
C LYS A 164 7.59 10.50 19.24
N MET A 165 7.55 9.72 20.31
CA MET A 165 6.28 9.25 20.88
C MET A 165 6.40 9.46 22.38
N LYS A 166 5.46 10.20 22.96
CA LYS A 166 5.56 10.57 24.37
C LYS A 166 5.57 9.31 25.25
N GLY A 167 6.59 9.17 26.07
CA GLY A 167 6.61 8.11 27.08
C GLY A 167 6.91 6.74 26.54
N VAL A 168 7.24 6.64 25.25
CA VAL A 168 7.53 5.32 24.66
C VAL A 168 9.01 5.06 24.74
N CYS A 169 9.37 3.83 25.17
CA CYS A 169 10.75 3.41 25.19
C CYS A 169 11.11 2.61 23.95
N GLU A 170 10.22 1.69 23.50
CA GLU A 170 10.42 0.86 22.33
C GLU A 170 9.10 0.76 21.60
N VAL A 171 9.16 0.85 20.29
CA VAL A 171 7.99 0.61 19.46
C VAL A 171 8.45 -0.20 18.28
N GLY A 172 7.93 -1.42 18.21
CA GLY A 172 8.47 -2.35 17.19
C GLY A 172 9.96 -2.55 17.44
N VAL A 173 10.75 -2.44 16.35
CA VAL A 173 12.19 -2.64 16.49
C VAL A 173 12.94 -1.37 16.87
N GLN A 174 12.23 -0.26 17.08
CA GLN A 174 12.86 1.04 17.40
C GLN A 174 12.94 1.26 18.90
N ALA A 175 14.18 1.31 19.41
CA ALA A 175 14.43 1.74 20.79
C ALA A 175 14.59 3.25 20.78
N LEU A 176 13.71 3.95 21.47
CA LEU A 176 13.68 5.40 21.21
C LEU A 176 14.64 6.16 22.11
N LYS A 177 14.85 5.66 23.30
CA LYS A 177 15.63 6.35 24.30
C LYS A 177 16.00 5.40 25.41
N LYS A 178 16.94 5.86 26.25
CA LYS A 178 17.26 5.16 27.49
C LYS A 178 16.04 5.10 28.40
N CYS A 179 15.72 3.91 28.89
CA CYS A 179 14.70 3.70 29.92
C CYS A 179 15.24 2.64 30.85
N ASP A 180 15.65 3.04 32.06
CA ASP A 180 16.18 2.07 33.03
C ASP A 180 15.18 1.67 34.10
N GLY A 181 13.94 2.21 34.08
CA GLY A 181 12.93 1.87 35.05
C GLY A 181 12.08 0.68 34.61
N GLN A 182 11.08 0.37 35.43
CA GLN A 182 10.14 -0.69 35.06
C GLN A 182 9.16 -0.18 34.01
N LEU A 183 8.87 -1.02 33.00
CA LEU A 183 8.14 -0.60 31.82
C LEU A 183 6.84 -1.37 31.72
N SER A 184 5.88 -0.86 30.96
CA SER A 184 4.67 -1.61 30.62
C SER A 184 4.71 -2.01 29.14
N THR A 185 4.11 -3.17 28.83
CA THR A 185 4.19 -3.75 27.47
C THR A 185 2.80 -4.05 26.94
N ALA A 186 2.54 -3.73 25.67
CA ALA A 186 1.26 -4.05 25.06
C ALA A 186 1.46 -4.22 23.56
N HIS A 187 0.57 -4.97 22.90
CA HIS A 187 0.48 -4.86 21.44
C HIS A 187 -0.44 -3.69 21.14
N GLU A 188 0.02 -2.76 20.32
CA GLU A 188 -0.78 -1.58 20.02
C GLU A 188 -0.86 -1.45 18.52
N VAL A 189 -1.97 -0.93 18.03
CA VAL A 189 -2.07 -0.56 16.61
C VAL A 189 -1.53 0.87 16.50
N VAL A 190 -0.39 1.03 15.86
CA VAL A 190 0.35 2.29 15.86
C VAL A 190 0.35 2.83 14.43
N PRO A 191 0.00 4.08 14.21
CA PRO A 191 0.18 4.68 12.88
C PRO A 191 1.66 4.98 12.59
N PHE A 192 2.00 4.96 11.30
CA PHE A 192 3.38 5.27 10.90
C PHE A 192 3.37 5.88 9.50
N ALA A 193 4.48 6.50 9.14
CA ALA A 193 4.64 6.94 7.75
C ALA A 193 6.09 6.79 7.34
N VAL A 194 6.32 6.71 6.04
CA VAL A 194 7.67 6.68 5.47
C VAL A 194 7.76 7.85 4.51
N PHE A 195 8.88 8.53 4.56
CA PHE A 195 9.15 9.71 3.75
C PHE A 195 10.40 9.48 2.90
N LYS A 196 10.54 10.26 1.83
CA LYS A 196 11.83 10.32 1.17
C LYS A 196 12.96 10.54 2.16
N ASN A 197 13.96 9.67 2.10
CA ASN A 197 15.16 9.73 2.93
C ASN A 197 14.88 9.57 4.44
N SER A 198 13.74 9.00 4.86
CA SER A 198 13.53 8.69 6.27
C SER A 198 13.47 7.18 6.50
N LYS A 199 13.57 6.83 7.79
CA LYS A 199 13.15 5.50 8.21
C LYS A 199 11.65 5.51 8.48
N LYS A 200 11.10 4.37 8.89
CA LYS A 200 9.72 4.38 9.37
C LYS A 200 9.60 5.32 10.58
N VAL A 201 8.62 6.24 10.51
CA VAL A 201 8.33 7.19 11.57
C VAL A 201 7.01 6.76 12.22
N TYR A 202 7.09 6.19 13.43
CA TYR A 202 5.86 5.92 14.16
C TYR A 202 5.36 7.21 14.82
N LEU A 203 4.04 7.30 14.99
CA LEU A 203 3.40 8.53 15.40
C LEU A 203 2.44 8.28 16.54
N ASP A 204 2.27 9.30 17.38
CA ASP A 204 1.33 9.21 18.47
C ASP A 204 -0.09 9.36 17.96
N LYS A 205 -0.28 10.12 16.88
CA LYS A 205 -1.61 10.43 16.41
C LYS A 205 -1.50 10.53 14.89
N LEU A 206 -2.52 10.03 14.19
CA LEU A 206 -2.60 10.16 12.74
C LEU A 206 -3.50 11.34 12.35
N ASP A 207 -2.91 12.37 11.76
CA ASP A 207 -3.65 13.56 11.29
C ASP A 207 -3.30 13.76 9.82
N LEU A 208 -4.29 13.57 8.96
CA LEU A 208 -4.12 13.58 7.51
C LEU A 208 -4.99 14.66 6.91
N LYS A 209 -4.55 15.16 5.75
CA LYS A 209 -5.36 16.07 4.94
C LYS A 209 -5.12 15.71 3.48
N THR A 210 -6.10 15.99 2.61
CA THR A 210 -6.04 15.64 1.18
C THR A 210 -6.34 16.89 0.37
N GLU A 211 -5.45 17.23 -0.57
CA GLU A 211 -5.71 18.35 -1.50
C GLU A 211 -6.12 17.69 -2.79
N GLU A 212 -7.38 17.85 -3.16
CA GLU A 212 -7.87 17.32 -4.42
C GLU A 212 -7.29 18.11 -5.58
N ASN A 213 -7.26 17.47 -6.75
CA ASN A 213 -6.70 18.11 -7.94
C ASN A 213 -7.25 17.41 -9.19
N LEU A 214 -6.78 17.88 -10.34
CA LEU A 214 -7.17 17.33 -11.63
C LEU A 214 -6.01 16.65 -12.34
N LEU A 215 -5.03 16.15 -11.57
CA LEU A 215 -3.94 15.35 -12.14
C LEU A 215 -4.42 13.96 -12.56
N PRO A 216 -3.64 13.26 -13.40
CA PRO A 216 -4.15 11.97 -13.97
C PRO A 216 -4.57 10.95 -12.95
N ASP A 217 -3.83 10.82 -11.84
CA ASP A 217 -4.25 9.80 -10.89
C ASP A 217 -5.47 10.20 -10.11
N SER A 218 -6.00 11.43 -10.33
CA SER A 218 -7.29 11.81 -9.74
C SER A 218 -8.51 11.37 -10.56
N PHE A 219 -8.28 10.63 -11.64
CA PHE A 219 -9.36 10.14 -12.47
C PHE A 219 -9.33 8.63 -12.57
N VAL A 220 -10.50 8.02 -12.78
CA VAL A 220 -10.60 6.63 -13.24
C VAL A 220 -11.35 6.65 -14.57
N CYS A 221 -10.83 5.95 -15.56
CA CYS A 221 -11.39 5.93 -16.94
C CYS A 221 -11.77 4.49 -17.24
N PHE A 222 -12.87 4.25 -17.95
CA PHE A 222 -13.14 2.89 -18.33
C PHE A 222 -13.66 2.85 -19.75
N GLU A 223 -13.44 1.70 -20.37
CA GLU A 223 -14.01 1.42 -21.67
C GLU A 223 -14.83 0.14 -21.58
N HIS A 224 -15.69 -0.05 -22.57
CA HIS A 224 -16.49 -1.26 -22.64
C HIS A 224 -15.70 -2.35 -23.36
N LYS A 225 -15.59 -3.50 -22.71
CA LYS A 225 -15.00 -4.67 -23.35
C LYS A 225 -15.92 -5.16 -24.45
N GLY A 226 -15.38 -5.37 -25.65
CA GLY A 226 -16.20 -5.70 -26.80
C GLY A 226 -16.43 -7.17 -27.04
N GLU A 240 -19.19 -5.58 -19.84
CA GLU A 240 -18.06 -5.64 -18.89
C GLU A 240 -17.16 -4.39 -19.03
N LEU A 241 -16.74 -3.81 -17.92
CA LEU A 241 -15.84 -2.68 -17.95
C LEU A 241 -14.37 -3.12 -17.93
N LYS A 242 -13.54 -2.29 -18.53
CA LYS A 242 -12.10 -2.45 -18.63
C LYS A 242 -11.44 -1.13 -18.24
N SER A 243 -10.36 -1.19 -17.45
CA SER A 243 -9.64 0.04 -17.11
C SER A 243 -8.97 0.62 -18.32
N PHE A 244 -8.96 1.99 -18.41
CA PHE A 244 -8.45 2.68 -19.58
C PHE A 244 -7.48 3.78 -19.14
N ASP A 245 -6.36 3.95 -19.85
CA ASP A 245 -5.33 4.92 -19.47
C ASP A 245 -5.68 6.33 -19.98
N ILE A 246 -5.95 7.24 -19.04
CA ILE A 246 -6.32 8.63 -19.38
C ILE A 246 -5.22 9.33 -20.19
N SER A 247 -3.96 8.86 -20.12
CA SER A 247 -2.91 9.59 -20.84
C SER A 247 -3.18 9.61 -22.34
N GLN A 248 -4.01 8.66 -22.84
CA GLN A 248 -4.37 8.67 -24.25
C GLN A 248 -5.34 9.80 -24.63
N CYS A 249 -5.98 10.43 -23.67
CA CYS A 249 -7.07 11.41 -23.91
C CYS A 249 -6.48 12.79 -24.15
N PRO A 250 -6.87 13.51 -25.21
CA PRO A 250 -6.34 14.86 -25.40
C PRO A 250 -6.81 15.84 -24.35
N LYS A 251 -5.86 16.64 -23.85
CA LYS A 251 -6.24 17.82 -23.08
C LYS A 251 -6.94 18.83 -24.00
N ILE A 252 -7.75 19.73 -23.43
CA ILE A 252 -8.22 20.89 -24.23
C ILE A 252 -7.01 21.63 -24.80
N GLY A 253 -7.02 21.80 -26.13
CA GLY A 253 -5.89 22.44 -26.77
C GLY A 253 -4.74 21.51 -27.09
N GLY A 254 -4.89 20.20 -26.84
CA GLY A 254 -3.81 19.27 -27.09
C GLY A 254 -4.30 18.08 -27.94
N HIS A 255 -3.50 16.99 -27.98
CA HIS A 255 -3.75 15.85 -28.85
C HIS A 255 -3.68 14.60 -28.01
N GLY A 256 -4.09 13.47 -28.62
CA GLY A 256 -4.06 12.21 -27.92
C GLY A 256 -4.05 11.11 -28.94
N SER A 257 -4.32 9.91 -28.45
CA SER A 257 -4.46 8.77 -29.37
C SER A 257 -5.85 8.18 -29.35
N LYS A 258 -6.73 8.65 -28.50
CA LYS A 258 -8.07 8.13 -28.35
C LYS A 258 -9.01 9.32 -28.18
N LYS A 259 -10.33 9.04 -28.25
CA LYS A 259 -11.33 10.03 -27.92
C LYS A 259 -11.94 9.68 -26.57
N CYS A 260 -12.16 10.69 -25.74
CA CYS A 260 -12.63 10.46 -24.40
C CYS A 260 -13.79 11.40 -24.09
N THR A 261 -14.48 11.09 -23.01
CA THR A 261 -15.52 11.96 -22.45
C THR A 261 -15.58 11.68 -20.97
N GLY A 262 -16.32 12.50 -20.24
CA GLY A 262 -16.35 12.25 -18.80
C GLY A 262 -17.21 13.23 -18.07
N ASP A 263 -16.90 13.35 -16.77
CA ASP A 263 -17.72 14.14 -15.86
C ASP A 263 -17.29 15.61 -15.92
N ALA A 264 -17.89 16.46 -15.10
CA ALA A 264 -17.62 17.90 -15.24
C ALA A 264 -16.15 18.21 -14.95
N ALA A 265 -15.57 17.55 -13.93
CA ALA A 265 -14.14 17.77 -13.63
C ALA A 265 -13.26 17.37 -14.80
N PHE A 266 -13.50 16.18 -15.37
CA PHE A 266 -12.72 15.77 -16.55
C PHE A 266 -12.84 16.79 -17.70
N CYS A 267 -14.07 17.17 -18.02
CA CYS A 267 -14.27 18.07 -19.18
C CYS A 267 -13.78 19.48 -18.92
N SER A 268 -13.47 19.84 -17.68
CA SER A 268 -12.85 21.15 -17.42
C SER A 268 -11.43 21.24 -17.99
N ALA A 269 -10.73 20.09 -18.16
CA ALA A 269 -9.33 20.05 -18.56
C ALA A 269 -9.09 19.26 -19.84
N TYR A 270 -9.95 18.32 -20.14
CA TYR A 270 -9.81 17.44 -21.29
C TYR A 270 -10.93 17.63 -22.30
N GLU A 271 -10.60 17.37 -23.57
N GLU A 271 -10.61 17.36 -23.57
CA GLU A 271 -11.64 17.33 -24.58
CA GLU A 271 -11.65 17.41 -24.60
C GLU A 271 -12.69 16.31 -24.17
C GLU A 271 -12.67 16.32 -24.37
N CYS A 272 -13.96 16.65 -24.43
CA CYS A 272 -15.02 15.67 -24.25
C CYS A 272 -15.78 15.50 -25.55
N THR A 273 -15.83 14.27 -26.06
CA THR A 273 -16.40 13.98 -27.36
C THR A 273 -17.71 13.20 -27.28
N ALA A 274 -18.24 13.00 -26.08
CA ALA A 274 -19.59 12.46 -25.87
C ALA A 274 -19.72 11.13 -26.61
N GLN A 275 -20.61 11.04 -27.59
CA GLN A 275 -20.93 9.74 -28.21
C GLN A 275 -19.80 9.21 -29.11
N TYR A 276 -18.80 10.02 -29.42
CA TYR A 276 -17.66 9.57 -30.20
C TYR A 276 -16.56 8.96 -29.34
N ALA A 277 -16.71 9.00 -28.01
CA ALA A 277 -15.62 8.63 -27.12
C ALA A 277 -15.37 7.13 -27.07
N ASN A 278 -14.10 6.83 -26.88
CA ASN A 278 -13.70 5.44 -26.58
C ASN A 278 -13.76 5.12 -25.09
N ALA A 279 -13.83 6.11 -24.23
CA ALA A 279 -13.72 5.84 -22.79
C ALA A 279 -14.44 6.96 -22.04
N TYR A 280 -14.88 6.65 -20.82
CA TYR A 280 -15.50 7.62 -19.93
C TYR A 280 -14.60 7.77 -18.71
N CYS A 281 -14.32 9.03 -18.33
CA CYS A 281 -13.39 9.33 -17.21
C CYS A 281 -14.10 10.15 -16.17
N SER A 282 -13.93 9.78 -14.89
CA SER A 282 -14.59 10.53 -13.83
C SER A 282 -13.63 10.70 -12.67
N HIS A 283 -13.89 11.78 -11.90
CA HIS A 283 -12.98 12.13 -10.82
C HIS A 283 -13.05 11.06 -9.74
N ALA A 284 -11.88 10.58 -9.26
CA ALA A 284 -11.79 9.43 -8.32
C ALA A 284 -12.02 9.94 -6.89
N ASN A 285 -13.03 9.36 -6.26
CA ASN A 285 -13.46 9.69 -4.92
C ASN A 285 -12.27 9.59 -3.96
N GLY A 286 -11.97 10.68 -3.25
CA GLY A 286 -10.92 10.50 -2.23
C GLY A 286 -9.51 10.64 -2.72
N SER A 287 -9.30 10.83 -4.02
CA SER A 287 -7.94 10.94 -4.53
C SER A 287 -7.40 12.34 -4.21
N GLY A 288 -6.10 12.49 -4.33
CA GLY A 288 -5.48 13.80 -4.15
C GLY A 288 -4.17 13.66 -3.41
N ILE A 289 -3.50 14.78 -3.22
CA ILE A 289 -2.22 14.82 -2.55
C ILE A 289 -2.50 14.72 -1.05
N VAL A 290 -1.93 13.70 -0.38
CA VAL A 290 -2.09 13.56 1.09
C VAL A 290 -0.89 14.12 1.83
N GLN A 291 -1.16 14.93 2.85
CA GLN A 291 -0.12 15.35 3.77
C GLN A 291 -0.45 14.86 5.18
N ILE A 292 0.59 14.76 6.00
CA ILE A 292 0.43 14.21 7.34
C ILE A 292 1.14 15.14 8.28
N GLN A 293 0.59 15.31 9.49
CA GLN A 293 1.23 16.18 10.46
C GLN A 293 2.21 15.38 11.30
N VAL A 294 3.45 15.84 11.33
CA VAL A 294 4.50 15.06 12.02
C VAL A 294 5.37 16.01 12.80
N SER A 295 5.38 15.81 14.12
CA SER A 295 6.03 16.75 15.05
C SER A 295 5.69 18.20 14.69
N GLY A 296 4.40 18.44 14.49
CA GLY A 296 3.91 19.79 14.34
C GLY A 296 3.95 20.39 12.93
N VAL A 297 4.47 19.68 11.92
CA VAL A 297 4.68 20.23 10.59
C VAL A 297 3.97 19.31 9.59
N TRP A 298 3.40 19.89 8.52
CA TRP A 298 2.82 19.06 7.46
C TRP A 298 3.89 18.63 6.46
N LYS A 299 3.90 17.32 6.13
CA LYS A 299 4.87 16.78 5.21
C LYS A 299 4.11 15.84 4.28
N LYS A 300 4.67 15.64 3.07
CA LYS A 300 4.07 14.77 2.08
C LYS A 300 4.74 13.39 2.14
N PRO A 301 4.10 12.38 2.73
CA PRO A 301 4.74 11.07 2.86
C PRO A 301 4.71 10.27 1.57
N LEU A 302 5.60 9.27 1.53
CA LEU A 302 5.44 8.21 0.53
C LEU A 302 4.33 7.23 0.91
N CYS A 303 4.33 6.75 2.15
CA CYS A 303 3.28 5.84 2.53
C CYS A 303 2.87 6.15 3.96
N VAL A 304 1.62 5.83 4.27
CA VAL A 304 1.03 6.01 5.58
C VAL A 304 0.32 4.70 5.95
N GLY A 305 0.46 4.23 7.22
CA GLY A 305 -0.25 3.00 7.50
C GLY A 305 -0.38 2.79 9.00
N TYR A 306 -0.99 1.65 9.33
CA TYR A 306 -1.05 1.16 10.72
C TYR A 306 -0.43 -0.22 10.76
N GLU A 307 0.22 -0.52 11.87
CA GLU A 307 0.57 -1.93 12.11
C GLU A 307 0.45 -2.18 13.59
N ARG A 308 0.28 -3.46 13.95
CA ARG A 308 0.09 -3.81 15.35
C ARG A 308 1.42 -4.33 15.85
N VAL A 309 2.05 -3.64 16.81
CA VAL A 309 3.42 -3.96 17.20
C VAL A 309 3.54 -3.91 18.70
N VAL A 310 4.57 -4.61 19.22
CA VAL A 310 4.87 -4.51 20.64
C VAL A 310 5.32 -3.08 20.96
N VAL A 311 4.74 -2.49 21.98
CA VAL A 311 5.14 -1.14 22.46
C VAL A 311 5.45 -1.22 23.94
N LYS A 312 6.60 -0.66 24.37
CA LYS A 312 7.01 -0.66 25.78
C LYS A 312 7.04 0.80 26.23
N ARG A 313 6.33 1.11 27.32
CA ARG A 313 6.15 2.53 27.74
C ARG A 313 6.72 2.68 29.15
N GLU A 314 7.16 3.91 29.44
CA GLU A 314 7.58 4.18 30.82
C GLU A 314 6.39 3.99 31.74
N LEU A 315 6.68 3.42 32.92
CA LEU A 315 5.72 3.01 33.94
C LEU A 315 6.13 3.59 35.28
N SER A 316 7.22 3.08 35.86
CA SER A 316 7.78 3.62 37.11
C SER A 316 9.28 3.91 36.97
#